data_8IAZ
#
_entry.id   8IAZ
#
_cell.length_a   1.00
_cell.length_b   1.00
_cell.length_c   1.00
_cell.angle_alpha   90.00
_cell.angle_beta   90.00
_cell.angle_gamma   90.00
#
_symmetry.space_group_name_H-M   'P 1'
#
loop_
_entity.id
_entity.type
_entity.pdbx_description
1 polymer Transposase
2 polymer 'RNA (207-MER)'
3 polymer "DNA (5'-D(P*AP*CP*AP*TP*GP*GP*AP*CP*CP*AP*TP*CP*AP*GP*CP*TP*CP*CP*TP*AP*AP*TP*GP*G)-3')"
4 polymer "DNA (5'-D(P*CP*CP*AP*TP*TP*AP*GP*GP*AP*GP*CP*TP*GP*AP*TP*G)-3')"
5 non-polymer 'ZINC ION'
#
loop_
_entity_poly.entity_id
_entity_poly.type
_entity_poly.pdbx_seq_one_letter_code
_entity_poly.pdbx_strand_id
1 'polypeptide(L)'
;LLKSFKTEINPSEEQKVKIHKTIGTCRFIYNFYLAHNKELYDKGEKFMSGKSFSVWLNNEYLPQNPDKLWIKEVSSKSVK
HSIENGCIAFTRFFKHQSAFPNLKKKGKSDVKMYFVKNNPKDCRCERHRINIPSLGWVRIKEKGYIPTTKDGYVIKSGTV
SMKADRYYVSVLVEISNNKIANNSNAGIGIDLGLKDFAIVSNGKTYKNINKSARLKKHEKQLIREQRSLSRKYENLKKGE
STQKANIQKQRLKVQKLHHRMDNIRTDYINKTIAEIVKTKPSYITIEDLNVKGMMKNRHLSKAVASQKFYEFRTKLQAKC
NENGIELRVVDRWYPSSKTCHCCGAVKKDLKLSDRIFKCSCGYVEDRAFNAALNLRDAITYEVA
;
A
2 'polyribonucleotide'
;CUAAAACGCAAACGUAAGUAUGUACCGAAGGCUAUUUUCGGGAAUUUACGACUAUGGAGUGUACAAGAACUUGUGAGUAG
AUAUGAUUUCGGUCAAUCCAAAGCAUACACGAUGAAAUAGUAAGUAAUGUUCGUGAGAACUUACAUUAUCUCGAUGUGAG
CAUAUUUAAUCACAUUUUGAGUGGCAGCUGAUGGUCCAUGUCUGUUA
;
E
3 'polydeoxyribonucleotide'
;(DA)(DC)(DA)(DT)(DG)(DG)(DA)(DC)(DC)(DA)(DT)(DC)(DA)(DG)(DC)(DT)(DC)(DC)(DT)(DA)
(DA)(DT)(DG)(DG)
;
B
4 'polydeoxyribonucleotide' (DC)(DC)(DA)(DT)(DT)(DA)(DG)(DG)(DA)(DG)(DC)(DT)(DG)(DA)(DT)(DG) C
#
loop_
_chem_comp.id
_chem_comp.type
_chem_comp.name
_chem_comp.formula
A RNA linking ADENOSINE-5'-MONOPHOSPHATE 'C10 H14 N5 O7 P'
C RNA linking CYTIDINE-5'-MONOPHOSPHATE 'C9 H14 N3 O8 P'
DA DNA linking 2'-DEOXYADENOSINE-5'-MONOPHOSPHATE 'C10 H14 N5 O6 P'
DC DNA linking 2'-DEOXYCYTIDINE-5'-MONOPHOSPHATE 'C9 H14 N3 O7 P'
DG DNA linking 2'-DEOXYGUANOSINE-5'-MONOPHOSPHATE 'C10 H14 N5 O7 P'
DT DNA linking THYMIDINE-5'-MONOPHOSPHATE 'C10 H15 N2 O8 P'
G RNA linking GUANOSINE-5'-MONOPHOSPHATE 'C10 H14 N5 O8 P'
U RNA linking URIDINE-5'-MONOPHOSPHATE 'C9 H13 N2 O9 P'
ZN non-polymer 'ZINC ION' 'Zn 2'
#
# COMPACT_ATOMS: atom_id res chain seq x y z
N LEU A 1 8.86 -17.41 -5.71
CA LEU A 1 8.16 -16.24 -6.20
C LEU A 1 6.82 -16.06 -5.51
N LEU A 2 6.85 -15.38 -4.36
CA LEU A 2 5.63 -15.11 -3.60
C LEU A 2 4.80 -14.06 -4.33
N LYS A 3 3.49 -14.27 -4.35
CA LYS A 3 2.56 -13.42 -5.05
C LYS A 3 1.38 -13.09 -4.14
N SER A 4 0.39 -12.41 -4.69
CA SER A 4 -0.89 -12.22 -4.02
C SER A 4 -1.95 -12.04 -5.09
N PHE A 5 -3.16 -12.50 -4.79
CA PHE A 5 -4.31 -12.34 -5.67
C PHE A 5 -5.44 -11.76 -4.84
N LYS A 6 -5.52 -10.44 -4.79
CA LYS A 6 -6.54 -9.75 -4.03
C LYS A 6 -7.77 -9.59 -4.91
N THR A 7 -8.90 -10.10 -4.43
CA THR A 7 -10.14 -10.07 -5.20
C THR A 7 -11.29 -9.72 -4.26
N GLU A 8 -12.35 -9.18 -4.83
CA GLU A 8 -13.58 -8.88 -4.11
C GLU A 8 -14.45 -10.12 -4.02
N ILE A 9 -15.09 -10.32 -2.88
CA ILE A 9 -15.85 -11.52 -2.60
C ILE A 9 -17.32 -11.16 -2.38
N ASN A 10 -18.13 -12.18 -2.16
CA ASN A 10 -19.58 -12.05 -2.00
C ASN A 10 -20.05 -12.80 -0.76
N PRO A 11 -19.82 -12.24 0.43
CA PRO A 11 -20.30 -12.89 1.65
C PRO A 11 -21.82 -12.83 1.78
N SER A 12 -22.35 -13.71 2.61
CA SER A 12 -23.74 -13.66 3.03
C SER A 12 -23.86 -12.96 4.38
N GLU A 13 -25.11 -12.76 4.83
CA GLU A 13 -25.33 -12.03 6.07
C GLU A 13 -24.70 -12.74 7.26
N GLU A 14 -24.87 -14.07 7.34
CA GLU A 14 -24.29 -14.84 8.42
C GLU A 14 -22.77 -14.78 8.38
N GLN A 15 -22.18 -14.66 7.18
CA GLN A 15 -20.74 -14.53 7.08
C GLN A 15 -20.29 -13.11 7.43
N LYS A 16 -21.11 -12.12 7.09
CA LYS A 16 -20.79 -10.73 7.43
C LYS A 16 -20.74 -10.52 8.94
N VAL A 17 -21.71 -11.07 9.66
CA VAL A 17 -21.68 -10.88 11.11
C VAL A 17 -20.46 -11.58 11.72
N LYS A 18 -20.06 -12.72 11.17
CA LYS A 18 -18.86 -13.41 11.66
C LYS A 18 -17.62 -12.56 11.44
N ILE A 19 -17.50 -11.97 10.25
CA ILE A 19 -16.35 -11.15 9.94
C ILE A 19 -16.28 -9.96 10.89
N HIS A 20 -17.41 -9.29 11.10
CA HIS A 20 -17.43 -8.13 12.00
C HIS A 20 -17.03 -8.49 13.42
N LYS A 21 -17.58 -9.59 13.93
CA LYS A 21 -17.26 -10.00 15.29
C LYS A 21 -15.79 -10.35 15.43
N THR A 22 -15.22 -11.04 14.43
CA THR A 22 -13.81 -11.42 14.50
C THR A 22 -12.91 -10.19 14.53
N ILE A 23 -13.19 -9.21 13.67
CA ILE A 23 -12.38 -8.00 13.66
C ILE A 23 -12.47 -7.25 14.99
N GLY A 24 -13.69 -7.16 15.55
CA GLY A 24 -13.84 -6.50 16.84
C GLY A 24 -13.03 -7.17 17.94
N THR A 25 -13.09 -8.50 17.99
CA THR A 25 -12.36 -9.23 19.02
C THR A 25 -10.85 -9.06 18.85
N CYS A 26 -10.37 -9.07 17.60
CA CYS A 26 -8.94 -8.89 17.36
C CYS A 26 -8.45 -7.51 17.82
N ARG A 27 -9.23 -6.47 17.54
CA ARG A 27 -8.85 -5.14 18.00
C ARG A 27 -8.80 -5.07 19.52
N PHE A 28 -9.81 -5.64 20.18
CA PHE A 28 -9.82 -5.66 21.64
C PHE A 28 -8.61 -6.38 22.19
N ILE A 29 -8.23 -7.51 21.58
CA ILE A 29 -7.12 -8.29 22.09
C ILE A 29 -5.81 -7.53 21.94
N TYR A 30 -5.63 -6.82 20.81
CA TYR A 30 -4.43 -6.01 20.62
C TYR A 30 -4.31 -4.95 21.72
N ASN A 31 -5.40 -4.21 21.95
CA ASN A 31 -5.37 -3.16 22.96
C ASN A 31 -5.12 -3.73 24.35
N PHE A 32 -5.76 -4.85 24.67
CA PHE A 32 -5.59 -5.46 25.98
C PHE A 32 -4.15 -5.90 26.20
N TYR A 33 -3.53 -6.50 25.19
CA TYR A 33 -2.14 -6.91 25.33
C TYR A 33 -1.24 -5.71 25.57
N LEU A 34 -1.46 -4.62 24.83
CA LEU A 34 -0.64 -3.42 25.04
C LEU A 34 -0.79 -2.91 26.47
N ALA A 35 -2.02 -2.80 26.96
CA ALA A 35 -2.24 -2.25 28.30
C ALA A 35 -1.63 -3.13 29.38
N HIS A 36 -1.80 -4.45 29.26
CA HIS A 36 -1.23 -5.35 30.25
C HIS A 36 0.30 -5.27 30.25
N ASN A 37 0.90 -5.12 29.06
CA ASN A 37 2.35 -4.93 29.02
C ASN A 37 2.77 -3.63 29.67
N LYS A 38 1.99 -2.57 29.49
CA LYS A 38 2.30 -1.30 30.15
C LYS A 38 2.27 -1.43 31.66
N GLU A 39 1.24 -2.10 32.18
CA GLU A 39 1.09 -2.24 33.64
C GLU A 39 2.25 -3.03 34.24
N LEU A 40 2.70 -4.06 33.53
CA LEU A 40 3.81 -4.89 34.00
C LEU A 40 5.08 -4.06 34.13
N TYR A 41 5.34 -3.20 33.15
CA TYR A 41 6.48 -2.31 33.20
C TYR A 41 6.35 -1.29 34.33
N ASP A 42 5.13 -0.82 34.57
CA ASP A 42 4.89 0.11 35.67
C ASP A 42 5.33 -0.48 37.00
N LYS A 43 4.97 -1.74 37.25
CA LYS A 43 5.34 -2.42 38.48
C LYS A 43 6.84 -2.63 38.57
N GLY A 44 7.44 -3.16 37.50
CA GLY A 44 8.86 -3.42 37.49
C GLY A 44 9.22 -4.87 37.20
N GLU A 45 8.32 -5.58 36.54
CA GLU A 45 8.53 -6.98 36.17
C GLU A 45 9.13 -7.07 34.77
N LYS A 46 9.26 -8.30 34.29
CA LYS A 46 9.90 -8.54 33.01
C LYS A 46 8.90 -8.37 31.86
N PHE A 47 9.34 -8.75 30.66
CA PHE A 47 8.58 -8.49 29.45
C PHE A 47 7.86 -9.75 28.99
N MET A 48 6.54 -9.65 28.81
CA MET A 48 5.75 -10.78 28.32
C MET A 48 5.82 -10.84 26.81
N SER A 49 6.08 -12.03 26.28
CA SER A 49 6.52 -12.19 24.89
C SER A 49 5.40 -12.51 23.91
N GLY A 50 4.15 -12.37 24.29
CA GLY A 50 3.06 -12.62 23.34
C GLY A 50 2.72 -14.09 23.18
N LYS A 51 3.71 -14.91 22.81
CA LYS A 51 3.53 -16.35 22.86
C LYS A 51 3.31 -16.82 24.29
N SER A 52 3.90 -16.13 25.27
CA SER A 52 3.61 -16.38 26.67
C SER A 52 2.39 -15.61 27.17
N PHE A 53 2.06 -14.49 26.55
CA PHE A 53 0.81 -13.81 26.89
C PHE A 53 -0.39 -14.69 26.55
N SER A 54 -0.32 -15.41 25.43
CA SER A 54 -1.41 -16.32 25.08
C SER A 54 -1.55 -17.44 26.10
N VAL A 55 -0.43 -18.00 26.56
CA VAL A 55 -0.49 -19.04 27.56
C VAL A 55 -1.04 -18.51 28.87
N TRP A 56 -0.67 -17.28 29.24
CA TRP A 56 -1.26 -16.65 30.42
C TRP A 56 -2.77 -16.46 30.25
N LEU A 57 -3.20 -16.06 29.06
CA LEU A 57 -4.62 -15.87 28.81
C LEU A 57 -5.39 -17.17 28.94
N ASN A 58 -4.84 -18.27 28.41
CA ASN A 58 -5.58 -19.52 28.36
C ASN A 58 -5.64 -20.20 29.72
N ASN A 59 -4.59 -20.03 30.54
CA ASN A 59 -4.43 -20.84 31.73
C ASN A 59 -4.48 -20.04 33.03
N GLU A 60 -4.40 -18.71 32.96
CA GLU A 60 -4.31 -17.95 34.19
C GLU A 60 -5.28 -16.77 34.28
N TYR A 61 -5.93 -16.37 33.19
CA TYR A 61 -6.81 -15.22 33.22
C TYR A 61 -8.25 -15.63 32.97
N LEU A 62 -8.48 -16.27 31.83
CA LEU A 62 -9.85 -16.60 31.42
C LEU A 62 -10.57 -17.52 32.42
N PRO A 63 -9.94 -18.55 33.00
CA PRO A 63 -10.63 -19.27 34.08
C PRO A 63 -10.94 -18.40 35.28
N GLN A 64 -10.11 -17.40 35.57
CA GLN A 64 -10.24 -16.65 36.82
C GLN A 64 -11.53 -15.83 36.86
N ASN A 65 -11.90 -15.20 35.74
CA ASN A 65 -13.11 -14.38 35.68
C ASN A 65 -13.99 -14.88 34.54
N PRO A 66 -15.18 -15.40 34.82
CA PRO A 66 -16.04 -15.91 33.74
C PRO A 66 -16.82 -14.82 33.01
N ASP A 67 -16.51 -13.55 33.24
CA ASP A 67 -17.32 -12.48 32.64
C ASP A 67 -17.09 -12.39 31.13
N LYS A 68 -15.84 -12.49 30.68
CA LYS A 68 -15.49 -12.27 29.28
C LYS A 68 -14.80 -13.52 28.71
N LEU A 69 -15.61 -14.45 28.22
CA LEU A 69 -15.14 -15.60 27.46
C LEU A 69 -15.65 -15.60 26.03
N TRP A 70 -16.11 -14.45 25.56
CA TRP A 70 -16.42 -14.30 24.14
C TRP A 70 -15.16 -14.32 23.29
N ILE A 71 -13.99 -14.28 23.91
CA ILE A 71 -12.74 -14.39 23.16
C ILE A 71 -12.64 -15.76 22.49
N LYS A 72 -13.00 -16.82 23.21
CA LYS A 72 -13.01 -18.16 22.63
C LYS A 72 -14.38 -18.48 22.02
N GLU A 73 -14.83 -17.57 21.18
CA GLU A 73 -16.06 -17.74 20.41
C GLU A 73 -15.79 -17.39 18.95
N VAL A 74 -14.70 -16.66 18.71
CA VAL A 74 -14.22 -16.32 17.39
C VAL A 74 -12.97 -17.16 17.13
N SER A 75 -12.61 -17.30 15.86
CA SER A 75 -11.48 -18.13 15.45
C SER A 75 -10.26 -17.91 16.35
N SER A 76 -9.67 -19.01 16.80
CA SER A 76 -8.51 -18.94 17.69
C SER A 76 -7.21 -18.65 16.96
N LYS A 77 -7.22 -18.62 15.63
CA LYS A 77 -6.02 -18.32 14.85
C LYS A 77 -5.86 -16.84 14.57
N SER A 78 -6.96 -16.14 14.28
CA SER A 78 -6.90 -14.71 14.06
C SER A 78 -6.50 -13.97 15.34
N VAL A 79 -6.99 -14.43 16.49
CA VAL A 79 -6.61 -13.84 17.77
C VAL A 79 -5.11 -13.99 18.00
N LYS A 80 -4.57 -15.19 17.76
CA LYS A 80 -3.15 -15.41 17.92
C LYS A 80 -2.34 -14.52 16.97
N HIS A 81 -2.79 -14.39 15.72
CA HIS A 81 -2.07 -13.54 14.77
C HIS A 81 -2.08 -12.08 15.21
N SER A 82 -3.20 -11.60 15.73
CA SER A 82 -3.27 -10.24 16.25
C SER A 82 -2.31 -10.03 17.42
N ILE A 83 -2.25 -11.01 18.33
CA ILE A 83 -1.31 -10.92 19.44
C ILE A 83 0.13 -10.87 18.92
N GLU A 84 0.45 -11.70 17.93
CA GLU A 84 1.81 -11.73 17.42
C GLU A 84 2.19 -10.42 16.74
N ASN A 85 1.28 -9.84 15.97
CA ASN A 85 1.68 -8.58 15.33
C ASN A 85 1.59 -7.40 16.28
N GLY A 86 0.95 -7.57 17.44
CA GLY A 86 1.12 -6.62 18.51
C GLY A 86 2.48 -6.72 19.18
N CYS A 87 3.00 -7.95 19.32
CA CYS A 87 4.33 -8.12 19.89
C CYS A 87 5.42 -7.71 18.90
N ILE A 88 5.13 -7.76 17.60
CA ILE A 88 6.09 -7.31 16.59
C ILE A 88 6.36 -5.81 16.74
N ALA A 89 5.33 -5.03 17.09
CA ALA A 89 5.54 -3.61 17.33
C ALA A 89 6.54 -3.38 18.46
N PHE A 90 6.41 -4.11 19.56
CA PHE A 90 7.36 -3.97 20.65
C PHE A 90 8.75 -4.44 20.23
N THR A 91 8.85 -5.56 19.51
CA THR A 91 10.15 -6.04 19.11
C THR A 91 10.81 -5.13 18.09
N ARG A 92 10.03 -4.30 17.40
CA ARG A 92 10.58 -3.31 16.49
C ARG A 92 10.95 -2.02 17.19
N PHE A 93 10.28 -1.72 18.31
CA PHE A 93 10.68 -0.57 19.12
C PHE A 93 11.91 -0.85 19.98
N PHE A 94 12.11 -2.10 20.40
CA PHE A 94 13.33 -2.44 21.13
C PHE A 94 14.55 -2.19 20.25
N LYS A 95 14.55 -2.75 19.04
CA LYS A 95 15.45 -2.25 18.01
C LYS A 95 14.99 -0.86 17.58
N HIS A 96 15.82 -0.17 16.82
CA HIS A 96 15.54 1.23 16.50
C HIS A 96 14.91 1.35 15.13
N GLN A 97 14.01 0.40 14.83
CA GLN A 97 13.35 0.27 13.55
C GLN A 97 12.03 1.02 13.49
N SER A 98 11.55 1.55 14.60
CA SER A 98 10.20 2.09 14.69
C SER A 98 10.04 2.84 16.00
N ALA A 99 8.83 3.30 16.26
CA ALA A 99 8.49 4.01 17.48
C ALA A 99 7.64 3.16 18.42
N PHE A 100 7.18 3.76 19.51
CA PHE A 100 6.45 3.05 20.54
C PHE A 100 5.05 2.65 20.06
N PRO A 101 4.51 1.54 20.55
CA PRO A 101 3.19 1.08 20.09
C PRO A 101 2.08 2.10 20.35
N ASN A 102 0.95 1.91 19.66
CA ASN A 102 0.03 3.02 19.43
C ASN A 102 -1.45 2.76 19.70
N LEU A 103 -1.85 1.65 20.33
CA LEU A 103 -3.23 1.53 20.81
C LEU A 103 -4.30 1.66 19.72
N LYS A 104 -4.53 0.57 18.96
CA LYS A 104 -5.32 0.57 17.73
C LYS A 104 -6.45 1.59 17.71
N LYS A 105 -7.21 1.70 18.81
CA LYS A 105 -8.26 2.69 18.99
C LYS A 105 -9.52 2.34 18.19
N LYS A 106 -10.68 2.55 18.82
CA LYS A 106 -11.92 1.97 18.32
C LYS A 106 -12.45 2.73 17.11
N GLY A 107 -12.65 1.99 16.02
CA GLY A 107 -13.44 2.44 14.89
C GLY A 107 -12.63 2.95 13.72
N LYS A 108 -12.38 2.05 12.77
CA LYS A 108 -11.69 2.29 11.51
C LYS A 108 -11.93 1.07 10.63
N SER A 109 -11.23 1.01 9.51
CA SER A 109 -11.28 -0.14 8.62
C SER A 109 -9.91 -0.68 8.25
N ASP A 110 -8.95 -0.65 9.18
CA ASP A 110 -7.60 -1.09 8.84
C ASP A 110 -7.29 -2.45 9.46
N VAL A 111 -8.10 -2.91 10.40
CA VAL A 111 -7.88 -4.20 11.03
C VAL A 111 -8.57 -5.28 10.19
N LYS A 112 -7.84 -6.34 9.89
CA LYS A 112 -8.37 -7.46 9.13
C LYS A 112 -8.29 -8.75 9.93
N MET A 113 -8.92 -9.80 9.41
CA MET A 113 -8.90 -11.12 10.02
C MET A 113 -8.03 -12.06 9.21
N TYR A 114 -7.24 -12.86 9.91
CA TYR A 114 -6.23 -13.70 9.31
C TYR A 114 -6.66 -15.17 9.38
N PHE A 115 -6.54 -15.89 8.26
CA PHE A 115 -6.76 -17.32 8.24
C PHE A 115 -5.55 -18.03 7.66
N VAL A 116 -5.33 -19.27 8.09
CA VAL A 116 -4.18 -20.06 7.68
C VAL A 116 -4.66 -21.44 7.26
N LYS A 117 -3.81 -22.13 6.49
CA LYS A 117 -4.08 -23.51 6.08
C LYS A 117 -3.54 -24.44 7.17
N ASN A 118 -4.45 -25.04 7.92
CA ASN A 118 -4.08 -25.90 9.05
C ASN A 118 -4.01 -27.36 8.65
N ASN A 119 -5.07 -27.87 8.05
CA ASN A 119 -5.23 -29.26 7.67
C ASN A 119 -4.80 -29.46 6.22
N PRO A 120 -4.60 -30.70 5.79
CA PRO A 120 -4.21 -30.95 4.40
C PRO A 120 -5.36 -30.91 3.39
N LYS A 121 -6.53 -30.39 3.76
CA LYS A 121 -7.68 -30.45 2.87
C LYS A 121 -8.55 -29.20 2.88
N ASP A 122 -8.07 -28.08 3.39
CA ASP A 122 -8.86 -26.86 3.39
C ASP A 122 -8.25 -25.83 2.44
N CYS A 123 -8.93 -24.68 2.34
CA CYS A 123 -8.53 -23.59 1.45
C CYS A 123 -8.58 -24.03 -0.01
N ARG A 124 -9.58 -24.84 -0.35
CA ARG A 124 -9.80 -25.27 -1.71
C ARG A 124 -10.61 -24.22 -2.47
N CYS A 125 -10.19 -23.96 -3.71
CA CYS A 125 -10.75 -22.90 -4.53
C CYS A 125 -11.17 -23.43 -5.88
N GLU A 126 -12.27 -22.89 -6.40
CA GLU A 126 -12.77 -23.21 -7.73
C GLU A 126 -12.82 -21.93 -8.56
N ARG A 127 -13.33 -22.03 -9.79
CA ARG A 127 -13.46 -20.84 -10.63
C ARG A 127 -14.37 -19.82 -9.96
N HIS A 128 -15.46 -20.28 -9.38
CA HIS A 128 -16.23 -19.49 -8.43
C HIS A 128 -15.92 -20.01 -7.04
N ARG A 129 -16.41 -19.33 -6.01
CA ARG A 129 -16.34 -19.67 -4.58
C ARG A 129 -15.03 -20.26 -4.01
N ILE A 130 -14.67 -19.83 -2.80
CA ILE A 130 -13.49 -20.31 -2.08
C ILE A 130 -13.93 -20.75 -0.69
N ASN A 131 -13.15 -21.65 -0.10
CA ASN A 131 -13.43 -22.21 1.22
C ASN A 131 -12.47 -21.62 2.24
N ILE A 132 -13.00 -20.84 3.18
CA ILE A 132 -12.17 -20.17 4.18
C ILE A 132 -12.45 -20.78 5.55
N PRO A 133 -11.41 -21.05 6.36
CA PRO A 133 -11.61 -21.90 7.55
C PRO A 133 -12.65 -21.39 8.55
N SER A 134 -12.93 -20.09 8.57
CA SER A 134 -13.83 -19.58 9.58
C SER A 134 -15.28 -19.53 9.09
N LEU A 135 -15.48 -19.49 7.77
CA LEU A 135 -16.79 -19.14 7.23
C LEU A 135 -17.39 -20.18 6.29
N GLY A 136 -16.62 -21.12 5.77
CA GLY A 136 -17.14 -22.02 4.76
C GLY A 136 -16.96 -21.46 3.37
N TRP A 137 -17.81 -21.92 2.45
CA TRP A 137 -17.72 -21.49 1.07
C TRP A 137 -18.17 -20.04 0.92
N VAL A 138 -17.32 -19.23 0.28
CA VAL A 138 -17.60 -17.83 0.03
C VAL A 138 -17.52 -17.61 -1.48
N ARG A 139 -18.55 -16.98 -2.05
CA ARG A 139 -18.58 -16.75 -3.49
C ARG A 139 -17.58 -15.67 -3.92
N ILE A 140 -17.11 -15.78 -5.16
CA ILE A 140 -16.10 -14.89 -5.71
C ILE A 140 -16.68 -14.20 -6.94
N LYS A 141 -16.55 -12.89 -7.00
CA LYS A 141 -17.15 -12.10 -8.08
C LYS A 141 -16.43 -12.23 -9.42
N GLU A 142 -15.12 -12.41 -9.43
CA GLU A 142 -14.33 -12.53 -10.64
C GLU A 142 -13.81 -13.94 -10.77
N LYS A 143 -14.03 -14.56 -11.92
CA LYS A 143 -13.85 -15.99 -12.10
C LYS A 143 -12.54 -16.30 -12.80
N GLY A 144 -11.69 -17.08 -12.16
CA GLY A 144 -10.44 -17.51 -12.71
C GLY A 144 -9.20 -16.80 -12.19
N TYR A 145 -9.35 -15.66 -11.53
CA TYR A 145 -8.19 -14.97 -10.99
C TYR A 145 -7.91 -15.35 -9.54
N ILE A 146 -7.90 -16.64 -9.25
CA ILE A 146 -7.37 -17.18 -8.00
C ILE A 146 -6.92 -18.60 -8.35
N PRO A 147 -5.66 -18.94 -8.12
CA PRO A 147 -5.18 -20.28 -8.50
C PRO A 147 -5.99 -21.38 -7.82
N THR A 148 -6.70 -22.16 -8.63
CA THR A 148 -7.58 -23.21 -8.14
C THR A 148 -6.80 -24.46 -7.77
N THR A 149 -7.44 -25.33 -6.99
CA THR A 149 -6.83 -26.59 -6.61
C THR A 149 -6.99 -27.67 -7.67
N LYS A 150 -7.82 -27.45 -8.69
CA LYS A 150 -7.94 -28.41 -9.77
C LYS A 150 -6.63 -28.53 -10.55
N ASP A 151 -5.95 -27.41 -10.77
CA ASP A 151 -4.70 -27.37 -11.54
C ASP A 151 -3.47 -27.25 -10.64
N GLY A 152 -3.49 -27.91 -9.49
CA GLY A 152 -2.29 -28.07 -8.70
C GLY A 152 -1.70 -26.79 -8.14
N TYR A 153 -2.54 -25.93 -7.56
CA TYR A 153 -2.08 -24.72 -6.90
C TYR A 153 -2.55 -24.72 -5.46
N VAL A 154 -1.69 -24.23 -4.56
CA VAL A 154 -1.92 -24.32 -3.12
C VAL A 154 -1.88 -22.92 -2.53
N ILE A 155 -2.80 -22.65 -1.62
CA ILE A 155 -2.86 -21.38 -0.90
C ILE A 155 -2.18 -21.56 0.45
N LYS A 156 -1.22 -20.69 0.77
CA LYS A 156 -0.52 -20.78 2.04
C LYS A 156 -1.35 -20.18 3.16
N SER A 157 -1.82 -18.94 3.00
CA SER A 157 -2.64 -18.27 3.98
C SER A 157 -3.37 -17.13 3.29
N GLY A 158 -4.06 -16.32 4.06
CA GLY A 158 -4.85 -15.25 3.47
C GLY A 158 -5.43 -14.34 4.53
N THR A 159 -6.15 -13.34 4.07
CA THR A 159 -6.65 -12.26 4.91
C THR A 159 -7.95 -11.77 4.31
N VAL A 160 -8.92 -11.47 5.18
CA VAL A 160 -10.21 -10.91 4.76
C VAL A 160 -10.28 -9.46 5.22
N SER A 161 -10.60 -8.56 4.32
CA SER A 161 -10.65 -7.12 4.58
C SER A 161 -12.03 -6.59 4.26
N MET A 162 -12.22 -5.30 4.52
CA MET A 162 -13.51 -4.65 4.31
C MET A 162 -13.26 -3.17 4.11
N LYS A 163 -13.61 -2.65 2.93
CA LYS A 163 -13.33 -1.26 2.57
C LYS A 163 -14.56 -0.68 1.87
N ALA A 164 -15.29 0.18 2.58
CA ALA A 164 -16.37 0.97 2.00
C ALA A 164 -17.46 0.08 1.40
N ASP A 165 -18.14 -0.67 2.28
CA ASP A 165 -19.35 -1.43 1.96
C ASP A 165 -19.01 -2.71 1.19
N ARG A 166 -17.76 -2.86 0.76
CA ARG A 166 -17.34 -4.03 -0.01
C ARG A 166 -16.39 -4.87 0.81
N TYR A 167 -16.25 -6.14 0.42
CA TYR A 167 -15.37 -7.10 1.09
C TYR A 167 -14.38 -7.68 0.10
N TYR A 168 -13.17 -7.94 0.56
CA TYR A 168 -12.09 -8.44 -0.27
C TYR A 168 -11.38 -9.58 0.43
N VAL A 169 -10.75 -10.44 -0.36
CA VAL A 169 -9.89 -11.49 0.15
C VAL A 169 -8.57 -11.42 -0.59
N SER A 170 -7.47 -11.65 0.13
CA SER A 170 -6.14 -11.62 -0.45
C SER A 170 -5.42 -12.89 -0.04
N VAL A 171 -5.04 -13.70 -1.02
CA VAL A 171 -4.38 -14.96 -0.76
C VAL A 171 -3.00 -14.92 -1.41
N LEU A 172 -2.04 -15.60 -0.77
CA LEU A 172 -0.67 -15.62 -1.26
C LEU A 172 -0.32 -17.03 -1.71
N VAL A 173 0.36 -17.12 -2.86
CA VAL A 173 0.64 -18.38 -3.52
C VAL A 173 2.09 -18.38 -3.97
N GLU A 174 2.76 -19.53 -3.81
CA GLU A 174 4.09 -19.71 -4.40
C GLU A 174 3.94 -20.02 -5.89
N ILE A 175 4.55 -19.20 -6.72
CA ILE A 175 4.44 -19.31 -8.17
C ILE A 175 5.77 -19.77 -8.74
N SER A 176 5.71 -20.71 -9.67
CA SER A 176 6.90 -21.09 -10.43
C SER A 176 7.11 -20.12 -11.59
N ASN A 177 8.35 -19.70 -11.77
CA ASN A 177 8.70 -18.73 -12.80
C ASN A 177 9.38 -19.44 -13.97
N ASN A 178 8.94 -19.13 -15.18
CA ASN A 178 9.53 -19.66 -16.40
C ASN A 178 9.67 -18.54 -17.41
N LYS A 179 10.03 -18.90 -18.64
CA LYS A 179 10.21 -17.95 -19.74
C LYS A 179 11.24 -16.89 -19.37
N ILE A 180 12.49 -17.35 -19.21
CA ILE A 180 13.59 -16.47 -18.82
C ILE A 180 13.84 -15.49 -19.97
N ALA A 181 13.49 -14.22 -19.75
CA ALA A 181 13.64 -13.21 -20.79
C ALA A 181 15.10 -12.85 -20.99
N ASN A 182 15.45 -12.55 -22.24
CA ASN A 182 16.79 -12.13 -22.61
C ASN A 182 16.74 -10.66 -23.01
N ASN A 183 17.35 -9.80 -22.19
CA ASN A 183 17.32 -8.36 -22.41
C ASN A 183 18.56 -7.95 -23.19
N SER A 184 18.36 -7.36 -24.37
CA SER A 184 19.48 -6.97 -25.21
C SER A 184 19.28 -5.61 -25.88
N ASN A 185 18.20 -4.89 -25.61
CA ASN A 185 18.00 -3.58 -26.21
C ASN A 185 18.85 -2.53 -25.49
N ALA A 186 18.95 -1.37 -26.11
CA ALA A 186 19.70 -0.27 -25.52
C ALA A 186 19.00 0.24 -24.26
N GLY A 187 19.79 0.55 -23.24
CA GLY A 187 19.22 0.99 -21.98
C GLY A 187 18.61 2.38 -22.07
N ILE A 188 17.80 2.70 -21.07
CA ILE A 188 16.99 3.91 -21.05
C ILE A 188 17.10 4.56 -19.68
N GLY A 189 16.42 5.70 -19.53
CA GLY A 189 16.34 6.39 -18.26
C GLY A 189 15.11 7.25 -18.22
N ILE A 190 14.57 7.44 -17.02
CA ILE A 190 13.32 8.18 -16.82
C ILE A 190 13.52 9.20 -15.71
N ASP A 191 13.05 10.42 -15.96
CA ASP A 191 13.03 11.49 -14.97
C ASP A 191 11.61 11.67 -14.46
N LEU A 192 11.45 11.77 -13.15
CA LEU A 192 10.15 11.93 -12.50
C LEU A 192 9.96 13.39 -12.13
N GLY A 193 8.84 13.97 -12.57
CA GLY A 193 8.59 15.37 -12.35
C GLY A 193 7.13 15.65 -12.07
N LEU A 194 6.81 16.92 -11.91
CA LEU A 194 5.46 17.35 -11.60
C LEU A 194 4.73 17.95 -12.79
N LYS A 195 5.44 18.37 -13.85
CA LYS A 195 4.76 18.90 -15.03
C LYS A 195 4.26 17.77 -15.91
N ASP A 196 5.02 16.69 -16.01
CA ASP A 196 4.55 15.43 -16.57
C ASP A 196 5.00 14.32 -15.65
N PHE A 197 4.28 13.20 -15.67
CA PHE A 197 4.62 12.11 -14.76
C PHE A 197 6.03 11.61 -15.02
N ALA A 198 6.33 11.27 -16.27
CA ALA A 198 7.61 10.66 -16.58
C ALA A 198 8.01 11.02 -18.01
N ILE A 199 9.30 11.24 -18.20
CA ILE A 199 9.88 11.46 -19.53
C ILE A 199 11.03 10.47 -19.69
N VAL A 200 10.99 9.69 -20.75
CA VAL A 200 11.95 8.62 -20.97
C VAL A 200 13.01 9.11 -21.93
N SER A 201 14.24 8.59 -21.77
CA SER A 201 15.33 9.00 -22.64
C SER A 201 15.29 8.24 -23.96
N ASN A 202 14.09 8.12 -24.53
CA ASN A 202 13.93 7.63 -25.89
C ASN A 202 12.93 8.45 -26.70
N GLY A 203 12.15 9.32 -26.06
CA GLY A 203 11.16 10.12 -26.76
C GLY A 203 9.79 10.01 -26.15
N LYS A 204 9.51 8.88 -25.49
CA LYS A 204 8.19 8.65 -24.94
C LYS A 204 7.90 9.60 -23.79
N THR A 205 6.67 10.11 -23.77
CA THR A 205 6.26 11.07 -22.75
C THR A 205 4.92 10.63 -22.17
N TYR A 206 4.84 10.56 -20.85
CA TYR A 206 3.59 10.28 -20.15
C TYR A 206 3.14 11.52 -19.41
N LYS A 207 1.92 11.97 -19.70
CA LYS A 207 1.40 13.19 -19.16
C LYS A 207 0.88 12.99 -17.74
N ASN A 208 0.71 14.11 -17.04
CA ASN A 208 0.16 14.08 -15.69
C ASN A 208 -1.29 13.63 -15.74
N ILE A 209 -1.58 12.49 -15.10
CA ILE A 209 -2.96 12.03 -15.03
C ILE A 209 -3.81 12.95 -14.17
N ASN A 210 -3.20 13.73 -13.29
CA ASN A 210 -3.94 14.62 -12.42
C ASN A 210 -4.36 15.91 -13.10
N LYS A 211 -3.82 16.19 -14.29
CA LYS A 211 -4.18 17.38 -15.03
C LYS A 211 -5.30 17.13 -16.04
N SER A 212 -6.13 16.11 -15.79
CA SER A 212 -7.23 15.77 -16.67
C SER A 212 -8.56 16.24 -16.06
N ALA A 213 -9.56 16.39 -16.94
CA ALA A 213 -10.83 16.95 -16.50
C ALA A 213 -11.56 16.03 -15.52
N ARG A 214 -11.43 14.72 -15.69
CA ARG A 214 -12.14 13.78 -14.84
C ARG A 214 -11.69 13.89 -13.38
N LEU A 215 -10.38 13.91 -13.16
CA LEU A 215 -9.87 13.99 -11.80
C LEU A 215 -10.20 15.33 -11.16
N LYS A 216 -10.18 16.41 -11.95
CA LYS A 216 -10.56 17.72 -11.41
C LYS A 216 -12.02 17.73 -10.98
N LYS A 217 -12.90 17.14 -11.79
CA LYS A 217 -14.30 17.03 -11.42
C LYS A 217 -14.47 16.22 -10.14
N HIS A 218 -13.72 15.12 -10.03
CA HIS A 218 -13.80 14.30 -8.83
C HIS A 218 -13.37 15.09 -7.59
N GLU A 219 -12.31 15.89 -7.73
CA GLU A 219 -11.82 16.67 -6.59
C GLU A 219 -12.84 17.72 -6.17
N LYS A 220 -13.49 18.37 -7.14
CA LYS A 220 -14.56 19.31 -6.83
C LYS A 220 -15.68 18.61 -6.06
N GLN A 221 -16.08 17.43 -6.55
CA GLN A 221 -17.15 16.67 -5.88
C GLN A 221 -16.76 16.34 -4.45
N LEU A 222 -15.52 15.92 -4.23
CA LEU A 222 -15.05 15.56 -2.89
C LEU A 222 -15.08 16.77 -1.96
N ILE A 223 -14.65 17.93 -2.44
CA ILE A 223 -14.67 19.13 -1.61
C ILE A 223 -16.11 19.48 -1.22
N ARG A 224 -17.03 19.40 -2.20
CA ARG A 224 -18.43 19.67 -1.91
C ARG A 224 -18.96 18.72 -0.83
N GLU A 225 -18.64 17.43 -0.96
CA GLU A 225 -19.15 16.45 -0.01
C GLU A 225 -18.58 16.67 1.39
N GLN A 226 -17.30 17.01 1.49
CA GLN A 226 -16.71 17.29 2.80
C GLN A 226 -17.36 18.52 3.44
N ARG A 227 -17.57 19.57 2.64
CA ARG A 227 -18.23 20.76 3.16
C ARG A 227 -19.63 20.45 3.66
N SER A 228 -20.36 19.59 2.93
CA SER A 228 -21.71 19.22 3.35
C SER A 228 -21.69 18.35 4.60
N LEU A 229 -20.69 17.48 4.73
CA LEU A 229 -20.61 16.60 5.89
C LEU A 229 -20.27 17.38 7.16
N SER A 230 -19.44 18.43 7.04
CA SER A 230 -19.05 19.16 8.24
C SER A 230 -20.17 20.00 8.83
N ARG A 231 -21.29 20.17 8.13
CA ARG A 231 -22.44 20.87 8.72
C ARG A 231 -23.18 20.00 9.71
N LYS A 232 -23.23 18.69 9.47
CA LYS A 232 -23.96 17.80 10.35
C LYS A 232 -23.28 17.69 11.71
N TYR A 233 -21.94 17.73 11.74
CA TYR A 233 -21.24 17.74 13.02
C TYR A 233 -21.52 19.02 13.81
N GLU A 234 -21.53 20.16 13.13
CA GLU A 234 -21.87 21.41 13.80
C GLU A 234 -23.29 21.37 14.36
N ASN A 235 -24.23 20.83 13.59
CA ASN A 235 -25.59 20.67 14.10
C ASN A 235 -25.63 19.72 15.28
N LEU A 236 -24.86 18.64 15.22
CA LEU A 236 -24.83 17.65 16.29
C LEU A 236 -24.28 18.25 17.58
N LYS A 237 -23.35 19.19 17.48
CA LYS A 237 -22.79 19.82 18.67
C LYS A 237 -23.86 20.53 19.50
N LYS A 238 -24.93 21.00 18.86
CA LYS A 238 -25.92 21.81 19.56
C LYS A 238 -26.94 20.95 20.31
N GLY A 239 -27.68 20.11 19.58
CA GLY A 239 -28.82 19.41 20.14
C GLY A 239 -28.45 18.09 20.78
N GLU A 240 -29.48 17.28 21.01
CA GLU A 240 -29.37 15.96 21.64
C GLU A 240 -30.02 14.90 20.77
N SER A 241 -29.68 14.92 19.48
CA SER A 241 -30.25 14.01 18.48
C SER A 241 -29.26 12.91 18.11
N THR A 242 -28.55 12.36 19.10
CA THR A 242 -27.45 11.45 18.84
C THR A 242 -27.95 10.11 18.33
N GLN A 243 -28.42 10.09 17.09
CA GLN A 243 -28.78 8.86 16.38
C GLN A 243 -28.28 8.95 14.94
N LYS A 244 -27.03 9.41 14.79
CA LYS A 244 -26.48 9.83 13.51
C LYS A 244 -26.60 8.77 12.41
N ALA A 245 -27.42 9.04 11.40
CA ALA A 245 -27.60 8.16 10.26
C ALA A 245 -27.16 8.80 8.96
N ASN A 246 -27.58 10.06 8.73
CA ASN A 246 -27.07 10.79 7.58
C ASN A 246 -25.57 11.00 7.67
N ILE A 247 -25.03 11.08 8.89
CA ILE A 247 -23.59 11.17 9.05
C ILE A 247 -22.91 9.90 8.54
N GLN A 248 -23.49 8.74 8.84
CA GLN A 248 -22.94 7.49 8.31
C GLN A 248 -23.04 7.45 6.79
N LYS A 249 -24.16 7.91 6.25
CA LYS A 249 -24.32 7.94 4.79
C LYS A 249 -23.26 8.83 4.14
N GLN A 250 -23.04 10.02 4.69
CA GLN A 250 -22.04 10.94 4.14
C GLN A 250 -20.64 10.36 4.27
N ARG A 251 -20.34 9.70 5.38
CA ARG A 251 -19.05 9.04 5.53
C ARG A 251 -18.83 8.00 4.45
N LEU A 252 -19.87 7.19 4.18
CA LEU A 252 -19.76 6.18 3.14
C LEU A 252 -19.50 6.82 1.78
N LYS A 253 -20.19 7.92 1.48
CA LYS A 253 -19.98 8.60 0.20
C LYS A 253 -18.55 9.12 0.07
N VAL A 254 -18.01 9.71 1.14
CA VAL A 254 -16.65 10.24 1.10
C VAL A 254 -15.64 9.12 0.89
N GLN A 255 -15.82 8.00 1.59
CA GLN A 255 -14.93 6.86 1.41
C GLN A 255 -14.98 6.34 -0.01
N LYS A 256 -16.17 6.30 -0.60
CA LYS A 256 -16.30 5.83 -1.98
C LYS A 256 -15.56 6.75 -2.95
N LEU A 257 -15.68 8.07 -2.76
CA LEU A 257 -14.96 9.00 -3.62
C LEU A 257 -13.44 8.82 -3.53
N HIS A 258 -12.94 8.67 -2.30
CA HIS A 258 -11.51 8.45 -2.12
C HIS A 258 -11.07 7.17 -2.82
N HIS A 259 -11.85 6.10 -2.68
CA HIS A 259 -11.51 4.83 -3.30
C HIS A 259 -11.48 4.94 -4.82
N ARG A 260 -12.44 5.65 -5.40
CA ARG A 260 -12.47 5.79 -6.85
C ARG A 260 -11.25 6.52 -7.37
N MET A 261 -10.85 7.61 -6.71
CA MET A 261 -9.65 8.32 -7.15
C MET A 261 -8.41 7.42 -7.04
N ASP A 262 -8.32 6.67 -5.95
CA ASP A 262 -7.20 5.74 -5.80
C ASP A 262 -7.18 4.70 -6.92
N ASN A 263 -8.36 4.19 -7.30
CA ASN A 263 -8.44 3.21 -8.37
C ASN A 263 -7.91 3.78 -9.67
N ILE A 264 -8.32 5.00 -10.01
CA ILE A 264 -7.87 5.63 -11.26
C ILE A 264 -6.35 5.76 -11.26
N ARG A 265 -5.79 6.30 -10.18
CA ARG A 265 -4.34 6.53 -10.15
C ARG A 265 -3.56 5.21 -10.21
N THR A 266 -4.01 4.19 -9.47
CA THR A 266 -3.30 2.93 -9.46
C THR A 266 -3.34 2.25 -10.83
N ASP A 267 -4.49 2.32 -11.50
CA ASP A 267 -4.58 1.77 -12.85
C ASP A 267 -3.61 2.47 -13.79
N TYR A 268 -3.52 3.80 -13.70
CA TYR A 268 -2.59 4.53 -14.56
C TYR A 268 -1.15 4.08 -14.33
N ILE A 269 -0.74 3.96 -13.06
CA ILE A 269 0.63 3.58 -12.78
C ILE A 269 0.92 2.17 -13.27
N ASN A 270 0.00 1.23 -13.03
CA ASN A 270 0.23 -0.15 -13.43
C ASN A 270 0.36 -0.27 -14.94
N LYS A 271 -0.53 0.39 -15.68
CA LYS A 271 -0.46 0.31 -17.13
C LYS A 271 0.80 0.98 -17.67
N THR A 272 1.21 2.11 -17.09
CA THR A 272 2.43 2.77 -17.54
C THR A 272 3.66 1.88 -17.33
N ILE A 273 3.74 1.24 -16.16
CA ILE A 273 4.84 0.31 -15.91
C ILE A 273 4.78 -0.86 -16.88
N ALA A 274 3.56 -1.32 -17.20
CA ALA A 274 3.42 -2.42 -18.15
C ALA A 274 3.98 -2.04 -19.52
N GLU A 275 3.63 -0.85 -20.02
CA GLU A 275 4.17 -0.45 -21.31
C GLU A 275 5.68 -0.30 -21.27
N ILE A 276 6.22 0.32 -20.20
CA ILE A 276 7.66 0.53 -20.14
C ILE A 276 8.41 -0.79 -20.12
N VAL A 277 7.92 -1.76 -19.32
CA VAL A 277 8.61 -3.04 -19.23
C VAL A 277 8.44 -3.85 -20.51
N LYS A 278 7.26 -3.79 -21.13
CA LYS A 278 7.04 -4.49 -22.39
C LYS A 278 7.89 -3.93 -23.52
N THR A 279 8.30 -2.66 -23.42
CA THR A 279 9.31 -2.16 -24.36
C THR A 279 10.60 -2.96 -24.26
N LYS A 280 10.84 -3.63 -23.14
CA LYS A 280 11.93 -4.57 -22.92
C LYS A 280 13.30 -3.93 -23.07
N PRO A 281 13.71 -3.05 -22.16
CA PRO A 281 15.08 -2.54 -22.17
C PRO A 281 16.00 -3.47 -21.40
N SER A 282 17.30 -3.20 -21.50
CA SER A 282 18.32 -3.94 -20.76
C SER A 282 18.50 -3.43 -19.34
N TYR A 283 18.48 -2.11 -19.14
CA TYR A 283 18.60 -1.51 -17.83
C TYR A 283 17.85 -0.19 -17.84
N ILE A 284 17.50 0.30 -16.66
CA ILE A 284 16.91 1.61 -16.50
C ILE A 284 17.48 2.24 -15.23
N THR A 285 17.78 3.53 -15.32
CA THR A 285 18.29 4.31 -14.19
C THR A 285 17.29 5.42 -13.89
N ILE A 286 16.96 5.58 -12.60
CA ILE A 286 15.90 6.54 -12.28
C ILE A 286 16.39 7.69 -11.42
N GLU A 287 16.68 7.44 -10.14
CA GLU A 287 16.90 8.51 -9.18
C GLU A 287 17.13 7.99 -7.76
N ASP A 288 17.28 8.91 -6.82
CA ASP A 288 17.11 8.63 -5.39
C ASP A 288 16.27 9.76 -4.79
N LEU A 289 15.11 10.00 -5.38
CA LEU A 289 14.25 11.11 -4.98
C LEU A 289 13.89 11.02 -3.50
N ASN A 290 13.83 12.18 -2.85
CA ASN A 290 13.45 12.28 -1.45
C ASN A 290 12.09 12.98 -1.39
N VAL A 291 11.06 12.24 -1.03
CA VAL A 291 9.71 12.78 -1.08
C VAL A 291 9.32 13.55 0.18
N LYS A 292 9.94 13.24 1.32
CA LYS A 292 9.62 13.95 2.56
C LYS A 292 10.05 15.41 2.48
N GLY A 293 11.27 15.67 2.03
CA GLY A 293 11.73 17.04 1.89
C GLY A 293 10.91 17.83 0.88
N MET A 294 10.60 17.20 -0.26
CA MET A 294 9.74 17.85 -1.24
C MET A 294 8.37 18.16 -0.67
N MET A 295 7.86 17.26 0.15
CA MET A 295 6.55 17.44 0.77
C MET A 295 6.58 18.45 1.90
N LYS A 296 7.78 18.82 2.37
CA LYS A 296 7.89 19.89 3.36
C LYS A 296 7.60 21.26 2.75
N ASN A 297 7.79 21.42 1.44
CA ASN A 297 7.38 22.65 0.77
C ASN A 297 5.87 22.75 0.73
N ARG A 298 5.34 23.86 1.26
CA ARG A 298 3.90 23.96 1.47
C ARG A 298 3.13 24.01 0.16
N HIS A 299 3.64 24.70 -0.85
CA HIS A 299 2.90 24.87 -2.10
C HIS A 299 3.14 23.73 -3.09
N LEU A 300 3.96 22.75 -2.73
CA LEU A 300 4.16 21.56 -3.54
C LEU A 300 3.62 20.28 -2.92
N SER A 301 3.10 20.34 -1.69
CA SER A 301 2.84 19.12 -0.94
C SER A 301 1.74 18.28 -1.57
N LYS A 302 0.62 18.90 -1.93
CA LYS A 302 -0.51 18.15 -2.45
C LYS A 302 -0.18 17.46 -3.77
N ALA A 303 0.49 18.18 -4.68
CA ALA A 303 0.82 17.60 -5.97
C ALA A 303 1.81 16.45 -5.83
N VAL A 304 2.81 16.61 -4.96
CA VAL A 304 3.80 15.55 -4.75
C VAL A 304 3.13 14.34 -4.13
N ALA A 305 2.17 14.56 -3.22
CA ALA A 305 1.44 13.44 -2.64
C ALA A 305 0.61 12.72 -3.70
N SER A 306 -0.04 13.48 -4.59
CA SER A 306 -0.89 12.87 -5.59
C SER A 306 -0.13 12.27 -6.76
N GLN A 307 1.19 12.50 -6.85
CA GLN A 307 1.95 11.90 -7.94
C GLN A 307 2.39 10.48 -7.65
N LYS A 308 2.60 10.13 -6.38
CA LYS A 308 2.92 8.76 -5.96
C LYS A 308 4.24 8.26 -6.58
N PHE A 309 5.33 8.94 -6.22
CA PHE A 309 6.63 8.60 -6.77
C PHE A 309 7.18 7.31 -6.18
N TYR A 310 7.06 7.15 -4.86
CA TYR A 310 7.69 6.01 -4.20
C TYR A 310 6.98 4.70 -4.54
N GLU A 311 5.66 4.74 -4.65
CA GLU A 311 4.89 3.57 -5.08
C GLU A 311 5.30 3.13 -6.48
N PHE A 312 5.46 4.11 -7.39
CA PHE A 312 5.91 3.82 -8.74
C PHE A 312 7.29 3.18 -8.71
N ARG A 313 8.18 3.68 -7.87
CA ARG A 313 9.52 3.10 -7.78
C ARG A 313 9.46 1.65 -7.29
N THR A 314 8.67 1.38 -6.25
CA THR A 314 8.61 0.03 -5.71
C THR A 314 7.99 -0.95 -6.71
N LYS A 315 6.91 -0.55 -7.38
CA LYS A 315 6.29 -1.45 -8.36
C LYS A 315 7.20 -1.66 -9.56
N LEU A 316 7.92 -0.63 -9.99
CA LEU A 316 8.89 -0.81 -11.08
C LEU A 316 10.01 -1.75 -10.66
N GLN A 317 10.47 -1.65 -9.41
CA GLN A 317 11.51 -2.56 -8.95
C GLN A 317 11.01 -4.00 -8.92
N ALA A 318 9.78 -4.21 -8.48
CA ALA A 318 9.21 -5.56 -8.48
C ALA A 318 9.13 -6.11 -9.90
N LYS A 319 8.62 -5.32 -10.84
CA LYS A 319 8.50 -5.79 -12.21
C LYS A 319 9.86 -6.03 -12.86
N CYS A 320 10.85 -5.20 -12.54
CA CYS A 320 12.20 -5.41 -13.07
C CYS A 320 12.80 -6.70 -12.52
N ASN A 321 12.64 -6.95 -11.22
CA ASN A 321 13.14 -8.19 -10.64
C ASN A 321 12.42 -9.40 -11.23
N GLU A 322 11.15 -9.23 -11.58
CA GLU A 322 10.37 -10.34 -12.13
C GLU A 322 10.78 -10.64 -13.58
N ASN A 323 11.01 -9.62 -14.38
CA ASN A 323 11.29 -9.78 -15.80
C ASN A 323 12.77 -9.94 -16.12
N GLY A 324 13.64 -10.00 -15.11
CA GLY A 324 15.05 -10.17 -15.35
C GLY A 324 15.81 -8.90 -15.69
N ILE A 325 15.16 -7.74 -15.63
CA ILE A 325 15.82 -6.45 -15.88
C ILE A 325 16.66 -6.11 -14.66
N GLU A 326 17.56 -5.13 -14.79
CA GLU A 326 18.33 -4.61 -13.67
C GLU A 326 18.01 -3.14 -13.49
N LEU A 327 17.78 -2.74 -12.24
CA LEU A 327 17.46 -1.37 -11.90
C LEU A 327 18.68 -0.68 -11.31
N ARG A 328 19.05 0.45 -11.90
CA ARG A 328 20.13 1.28 -11.41
C ARG A 328 19.55 2.54 -10.79
N VAL A 329 20.10 2.94 -9.63
CA VAL A 329 19.72 4.17 -8.98
C VAL A 329 20.97 4.94 -8.62
N VAL A 330 20.82 6.26 -8.51
CA VAL A 330 21.97 7.14 -8.32
C VAL A 330 21.92 7.71 -6.92
N ASP A 331 22.90 8.54 -6.57
CA ASP A 331 22.92 9.14 -5.24
C ASP A 331 21.79 10.17 -5.11
N ARG A 332 21.50 10.52 -3.86
CA ARG A 332 20.47 11.52 -3.59
C ARG A 332 20.89 12.89 -4.10
N TRP A 333 22.19 13.15 -4.19
CA TRP A 333 22.73 14.42 -4.65
C TRP A 333 23.51 14.28 -5.95
N TYR A 334 23.00 13.49 -6.87
CA TYR A 334 23.60 13.37 -8.20
C TYR A 334 23.18 14.55 -9.06
N PRO A 335 24.13 15.28 -9.66
CA PRO A 335 23.80 16.49 -10.44
C PRO A 335 23.22 16.20 -11.81
N SER A 336 21.95 15.76 -11.82
CA SER A 336 21.28 15.39 -13.05
C SER A 336 20.67 16.59 -13.79
N SER A 337 20.03 17.49 -13.06
CA SER A 337 19.30 18.60 -13.67
C SER A 337 20.17 19.81 -13.92
N LYS A 338 21.47 19.73 -13.65
CA LYS A 338 22.37 20.86 -13.84
C LYS A 338 23.53 20.58 -14.77
N THR A 339 23.81 19.32 -15.11
CA THR A 339 24.94 19.00 -15.95
C THR A 339 24.56 19.03 -17.43
N CYS A 340 25.37 19.72 -18.22
CA CYS A 340 25.16 19.75 -19.66
C CYS A 340 25.54 18.40 -20.27
N HIS A 341 24.94 18.10 -21.41
CA HIS A 341 25.18 16.84 -22.10
C HIS A 341 26.25 16.95 -23.18
N CYS A 342 26.88 18.11 -23.32
CA CYS A 342 27.92 18.26 -24.34
C CYS A 342 29.29 18.47 -23.73
N CYS A 343 29.45 19.47 -22.86
CA CYS A 343 30.77 19.77 -22.32
C CYS A 343 30.92 19.28 -20.89
N GLY A 344 29.80 19.00 -20.23
CA GLY A 344 29.83 18.63 -18.83
C GLY A 344 29.78 19.79 -17.86
N ALA A 345 29.42 20.98 -18.32
CA ALA A 345 29.32 22.13 -17.44
C ALA A 345 28.23 21.91 -16.41
N VAL A 346 28.47 22.44 -15.20
CA VAL A 346 27.64 22.17 -14.03
C VAL A 346 27.00 23.47 -13.58
N LYS A 347 26.65 24.33 -14.54
CA LYS A 347 26.14 25.68 -14.31
C LYS A 347 25.21 25.78 -13.11
N LYS A 348 25.38 26.83 -12.30
CA LYS A 348 24.72 26.93 -11.02
C LYS A 348 23.58 27.93 -10.98
N ASP A 349 23.47 28.82 -11.96
CA ASP A 349 22.44 29.85 -11.96
C ASP A 349 21.12 29.35 -12.53
N LEU A 350 20.91 28.04 -12.59
CA LEU A 350 19.67 27.49 -13.15
C LEU A 350 18.54 27.70 -12.15
N LYS A 351 17.62 28.60 -12.48
CA LYS A 351 16.48 28.84 -11.62
C LYS A 351 15.53 27.65 -11.64
N LEU A 352 14.84 27.44 -10.52
CA LEU A 352 13.93 26.31 -10.39
C LEU A 352 12.69 26.43 -11.25
N SER A 353 12.44 27.60 -11.85
CA SER A 353 11.24 27.85 -12.65
C SER A 353 11.58 28.13 -14.11
N ASP A 354 12.51 27.37 -14.67
CA ASP A 354 12.87 27.47 -16.07
C ASP A 354 12.62 26.14 -16.76
N ARG A 355 11.87 26.17 -17.85
CA ARG A 355 11.55 24.96 -18.61
C ARG A 355 12.55 24.68 -19.72
N ILE A 356 13.55 25.53 -19.90
CA ILE A 356 14.54 25.36 -20.95
C ILE A 356 15.93 25.47 -20.35
N PHE A 357 16.79 24.51 -20.67
CA PHE A 357 18.17 24.47 -20.24
C PHE A 357 19.04 25.04 -21.34
N LYS A 358 19.92 25.99 -20.99
CA LYS A 358 20.83 26.61 -21.94
C LYS A 358 22.15 26.90 -21.26
N CYS A 359 23.21 26.22 -21.72
CA CYS A 359 24.54 26.43 -21.20
C CYS A 359 25.39 27.20 -22.24
N SER A 360 26.68 27.36 -21.96
CA SER A 360 27.53 28.24 -22.76
C SER A 360 27.90 27.68 -24.13
N CYS A 361 27.97 26.35 -24.29
CA CYS A 361 28.44 25.80 -25.56
C CYS A 361 27.44 26.02 -26.68
N GLY A 362 26.22 26.43 -26.33
CA GLY A 362 25.15 26.58 -27.30
C GLY A 362 24.14 25.46 -27.29
N TYR A 363 24.30 24.44 -26.44
CA TYR A 363 23.35 23.36 -26.35
C TYR A 363 22.06 23.85 -25.69
N VAL A 364 20.93 23.54 -26.31
CA VAL A 364 19.62 23.90 -25.78
C VAL A 364 18.68 22.72 -25.93
N GLU A 365 18.01 22.35 -24.84
CA GLU A 365 17.08 21.23 -24.81
C GLU A 365 16.16 21.42 -23.62
N ASP A 366 15.10 20.62 -23.56
CA ASP A 366 14.21 20.63 -22.43
C ASP A 366 14.94 20.16 -21.17
N ARG A 367 14.57 20.73 -20.02
CA ARG A 367 15.21 20.36 -18.78
C ARG A 367 14.98 18.90 -18.44
N ALA A 368 13.75 18.42 -18.62
CA ALA A 368 13.43 17.02 -18.32
C ALA A 368 14.14 16.08 -19.29
N PHE A 369 14.18 16.43 -20.58
CA PHE A 369 14.90 15.61 -21.55
C PHE A 369 16.39 15.56 -21.24
N ASN A 370 16.97 16.70 -20.89
CA ASN A 370 18.38 16.75 -20.52
C ASN A 370 18.64 15.88 -19.29
N ALA A 371 17.77 15.96 -18.29
CA ALA A 371 17.92 15.15 -17.09
C ALA A 371 17.83 13.66 -17.41
N ALA A 372 16.90 13.29 -18.29
CA ALA A 372 16.76 11.88 -18.66
C ALA A 372 18.01 11.39 -19.39
N LEU A 373 18.56 12.19 -20.30
CA LEU A 373 19.78 11.79 -20.99
C LEU A 373 20.95 11.66 -20.03
N ASN A 374 21.04 12.58 -19.06
CA ASN A 374 22.09 12.46 -18.05
C ASN A 374 21.91 11.19 -17.22
N LEU A 375 20.67 10.83 -16.93
CA LEU A 375 20.39 9.61 -16.18
C LEU A 375 20.79 8.37 -16.95
N ARG A 376 20.53 8.35 -18.25
CA ARG A 376 20.75 7.13 -19.02
C ARG A 376 22.22 6.75 -19.08
N ASP A 377 23.12 7.73 -19.20
CA ASP A 377 24.55 7.47 -19.28
C ASP A 377 25.28 7.71 -17.96
N ALA A 378 24.62 7.46 -16.84
CA ALA A 378 25.28 7.55 -15.55
C ALA A 378 26.34 6.48 -15.41
N ILE A 379 27.40 6.80 -14.69
CA ILE A 379 28.53 5.90 -14.52
C ILE A 379 28.52 5.24 -13.15
N THR A 380 28.31 6.01 -12.10
CA THR A 380 28.33 5.51 -10.73
C THR A 380 26.90 5.25 -10.27
N TYR A 381 26.61 4.00 -9.91
CA TYR A 381 25.30 3.61 -9.41
C TYR A 381 25.45 2.31 -8.65
N GLU A 382 24.44 1.99 -7.83
CA GLU A 382 24.36 0.71 -7.15
C GLU A 382 23.00 0.08 -7.44
N VAL A 383 23.02 -1.20 -7.82
CA VAL A 383 21.83 -1.89 -8.29
C VAL A 383 20.89 -2.15 -7.11
N ALA A 384 19.61 -1.85 -7.31
CA ALA A 384 18.61 -2.07 -6.28
C ALA A 384 18.40 -3.56 -5.99
ZN ZN E . 27.39 22.65 -22.69
#